data_1PQT
#
_entry.id   1PQT
#
_cell.length_a   1.000
_cell.length_b   1.000
_cell.length_c   1.000
_cell.angle_alpha   90.00
_cell.angle_beta   90.00
_cell.angle_gamma   90.00
#
_symmetry.space_group_name_H-M   'P 1'
#
_entity_poly.entity_id   1
_entity_poly.type   'polydeoxyribonucleotide'
_entity_poly.pdbx_seq_one_letter_code
;(DG)(DC)(DG)(DA)(DA)(DG)(DC)
;
_entity_poly.pdbx_strand_id   A
#